data_4DLL
#
_entry.id   4DLL
#
_cell.length_a   39.868
_cell.length_b   47.010
_cell.length_c   77.498
_cell.angle_alpha   92.14
_cell.angle_beta   95.30
_cell.angle_gamma   101.19
#
_symmetry.space_group_name_H-M   'P 1'
#
loop_
_entity.id
_entity.type
_entity.pdbx_description
1 polymer '2-hydroxy-3-oxopropionate reductase'
2 non-polymer 'SULFATE ION'
3 water water
#
_entity_poly.entity_id   1
_entity_poly.type   'polypeptide(L)'
_entity_poly.pdbx_seq_one_letter_code
;(MSE)HHHHHHSSGVDLGTENLYFQS(MSE)TVESDPYARKITFLGTGS(MSE)GLP(MSE)ARRLCEAGYALQVWNRTP
ARAASLAALGATIHEQARAAARDADIVVS(MSE)LENGAVVQDVLFAQGVAAA(MSE)KPGSLFLD(MSE)ASITPREAR
DHAARLGALGIAHLDTPVSGGTVGAEQGTLVI(MSE)AGGKPADFERSLPLLKVFGRATHVGPHGSGQLTKLANQ(MSE)
IVGITIGAVAEALLFATKGGAD(MSE)AKVKEAITGGFADSRVLQLHGQR(MSE)VERDFAPRARLSIQLKD(MSE)RNA
LATAQEIGFDAPITGLFEQLYAEGVEHGLTDLDQSGLFVELASRNG(MSE)S
;
_entity_poly.pdbx_strand_id   A,B
#
loop_
_chem_comp.id
_chem_comp.type
_chem_comp.name
_chem_comp.formula
SO4 non-polymer 'SULFATE ION' 'O4 S -2'
#
# COMPACT_ATOMS: atom_id res chain seq x y z
N PRO A 29 -22.27 -3.16 -29.60
CA PRO A 29 -22.61 -3.82 -30.89
C PRO A 29 -22.56 -5.38 -30.92
N TYR A 30 -22.05 -6.02 -29.87
CA TYR A 30 -21.86 -7.50 -29.85
C TYR A 30 -22.85 -8.20 -28.92
N ALA A 31 -23.36 -7.44 -27.98
CA ALA A 31 -24.09 -7.98 -26.86
C ALA A 31 -25.30 -7.12 -26.44
N ARG A 32 -26.40 -7.81 -26.20
CA ARG A 32 -27.58 -7.25 -25.56
C ARG A 32 -28.05 -8.21 -24.43
N LYS A 33 -27.97 -9.51 -24.68
CA LYS A 33 -28.47 -10.46 -23.65
C LYS A 33 -27.36 -10.88 -22.68
N ILE A 34 -27.42 -10.43 -21.42
CA ILE A 34 -26.48 -10.82 -20.38
C ILE A 34 -27.03 -11.83 -19.34
N THR A 35 -26.27 -12.89 -19.06
CA THR A 35 -26.61 -13.78 -17.96
C THR A 35 -25.59 -13.69 -16.77
N PHE A 36 -26.10 -13.56 -15.55
CA PHE A 36 -25.29 -13.83 -14.36
C PHE A 36 -25.54 -15.24 -13.91
N LEU A 37 -24.46 -15.85 -13.44
CA LEU A 37 -24.41 -17.12 -12.78
C LEU A 37 -23.84 -16.86 -11.37
N GLY A 38 -24.67 -16.94 -10.33
CA GLY A 38 -24.25 -16.53 -9.02
C GLY A 38 -24.22 -15.02 -8.95
N THR A 39 -24.10 -14.48 -7.74
CA THR A 39 -24.03 -13.04 -7.58
C THR A 39 -22.76 -12.63 -6.86
N GLY A 40 -21.99 -13.61 -6.36
CA GLY A 40 -20.72 -13.33 -5.65
C GLY A 40 -20.91 -12.20 -4.65
N SER A 41 -19.91 -11.34 -4.51
CA SER A 41 -19.91 -10.32 -3.46
C SER A 41 -20.55 -8.96 -3.84
N MSE A 42 -20.69 -8.67 -5.12
CA MSE A 42 -21.05 -7.34 -5.55
C MSE A 42 -22.03 -7.44 -6.69
O MSE A 42 -22.28 -6.47 -7.42
CB MSE A 42 -19.79 -6.60 -5.99
CG MSE A 42 -18.80 -6.51 -4.84
SE MSE A 42 -17.07 -5.96 -5.36
CE MSE A 42 -16.40 -7.64 -6.03
N GLY A 43 -22.60 -8.63 -6.81
CA GLY A 43 -23.50 -8.96 -7.91
C GLY A 43 -24.64 -7.98 -8.10
N LEU A 44 -25.25 -7.54 -6.99
CA LEU A 44 -26.44 -6.70 -7.04
C LEU A 44 -26.21 -5.33 -7.63
N PRO A 45 -25.23 -4.59 -7.09
CA PRO A 45 -24.91 -3.26 -7.64
C PRO A 45 -24.52 -3.36 -9.13
N MSE A 46 -23.82 -4.43 -9.50
CA MSE A 46 -23.46 -4.66 -10.92
C MSE A 46 -24.63 -4.96 -11.86
O MSE A 46 -24.59 -4.60 -13.04
CB MSE A 46 -22.35 -5.71 -11.07
CG MSE A 46 -21.12 -5.29 -10.33
SE MSE A 46 -19.84 -6.77 -10.18
CE MSE A 46 -19.17 -6.78 -12.01
N ALA A 47 -25.66 -5.62 -11.35
CA ALA A 47 -26.84 -5.88 -12.16
C ALA A 47 -27.63 -4.58 -12.39
N ARG A 48 -27.59 -3.68 -11.42
CA ARG A 48 -28.39 -2.50 -11.49
C ARG A 48 -27.76 -1.51 -12.50
N ARG A 49 -26.42 -1.43 -12.53
CA ARG A 49 -25.81 -0.56 -13.55
C ARG A 49 -26.03 -1.19 -14.90
N LEU A 50 -26.14 -2.52 -14.92
CA LEU A 50 -26.32 -3.26 -16.12
C LEU A 50 -27.69 -2.97 -16.76
N CYS A 51 -28.73 -3.15 -15.97
CA CYS A 51 -30.09 -2.77 -16.37
C CYS A 51 -30.14 -1.27 -16.72
N GLU A 52 -29.58 -0.43 -15.86
CA GLU A 52 -29.47 1.01 -16.16
C GLU A 52 -28.75 1.35 -17.47
N ALA A 53 -27.88 0.46 -17.97
CA ALA A 53 -27.28 0.69 -19.29
C ALA A 53 -28.15 0.10 -20.40
N GLY A 54 -29.27 -0.51 -20.00
CA GLY A 54 -30.26 -1.03 -20.95
C GLY A 54 -29.97 -2.42 -21.48
N TYR A 55 -29.19 -3.20 -20.73
CA TYR A 55 -28.93 -4.58 -21.06
C TYR A 55 -30.04 -5.40 -20.50
N ALA A 56 -30.40 -6.48 -21.17
CA ALA A 56 -31.40 -7.35 -20.60
C ALA A 56 -30.70 -8.46 -19.78
N LEU A 57 -31.28 -8.81 -18.65
CA LEU A 57 -30.52 -9.61 -17.73
C LEU A 57 -31.25 -10.87 -17.31
N GLN A 58 -30.60 -12.02 -17.46
CA GLN A 58 -31.07 -13.30 -16.91
C GLN A 58 -30.12 -13.69 -15.80
N VAL A 59 -30.65 -14.37 -14.80
CA VAL A 59 -29.90 -14.74 -13.64
C VAL A 59 -30.20 -16.19 -13.25
N TRP A 60 -29.21 -16.95 -12.83
CA TRP A 60 -29.42 -18.17 -12.07
C TRP A 60 -28.64 -17.96 -10.77
N ASN A 61 -29.24 -18.26 -9.62
CA ASN A 61 -28.51 -18.05 -8.39
C ASN A 61 -29.10 -18.96 -7.30
N ARG A 62 -28.56 -18.90 -6.08
CA ARG A 62 -28.83 -19.86 -5.03
C ARG A 62 -29.46 -19.18 -3.83
N THR A 63 -29.67 -17.88 -3.91
CA THR A 63 -30.10 -17.11 -2.75
C THR A 63 -31.34 -16.24 -3.06
N PRO A 64 -32.49 -16.65 -2.49
CA PRO A 64 -33.83 -16.09 -2.73
C PRO A 64 -33.98 -14.58 -2.65
N ALA A 65 -33.35 -13.94 -1.66
CA ALA A 65 -33.56 -12.51 -1.40
C ALA A 65 -32.80 -11.65 -2.41
N ARG A 66 -31.70 -12.21 -2.92
CA ARG A 66 -30.92 -11.53 -3.92
C ARG A 66 -31.70 -11.67 -5.22
N ALA A 67 -32.10 -12.89 -5.52
CA ALA A 67 -33.05 -13.18 -6.60
C ALA A 67 -34.21 -12.15 -6.62
N ALA A 68 -34.85 -11.92 -5.48
CA ALA A 68 -35.97 -10.94 -5.40
C ALA A 68 -35.53 -9.51 -5.71
N SER A 69 -34.37 -9.14 -5.18
CA SER A 69 -33.78 -7.84 -5.41
C SER A 69 -33.47 -7.61 -6.87
N LEU A 70 -33.07 -8.68 -7.54
CA LEU A 70 -32.73 -8.69 -8.96
C LEU A 70 -33.97 -8.68 -9.84
N ALA A 71 -34.95 -9.50 -9.44
CA ALA A 71 -36.28 -9.52 -10.08
C ALA A 71 -36.90 -8.12 -10.04
N ALA A 72 -36.77 -7.45 -8.90
CA ALA A 72 -37.19 -6.06 -8.75
C ALA A 72 -36.52 -5.10 -9.78
N LEU A 73 -35.34 -5.45 -10.29
CA LEU A 73 -34.66 -4.55 -11.23
C LEU A 73 -35.02 -4.89 -12.67
N GLY A 74 -35.72 -6.00 -12.88
CA GLY A 74 -36.11 -6.40 -14.25
C GLY A 74 -35.56 -7.74 -14.71
N ALA A 75 -34.59 -8.26 -13.97
CA ALA A 75 -33.93 -9.53 -14.30
C ALA A 75 -34.90 -10.73 -14.30
N THR A 76 -34.71 -11.68 -15.21
CA THR A 76 -35.48 -12.91 -15.20
C THR A 76 -34.67 -14.00 -14.48
N ILE A 77 -35.26 -14.58 -13.45
CA ILE A 77 -34.58 -15.63 -12.70
C ILE A 77 -34.95 -17.01 -13.24
N HIS A 78 -33.99 -17.92 -13.36
CA HIS A 78 -34.27 -19.29 -13.79
C HIS A 78 -33.90 -20.28 -12.69
N GLU A 79 -34.62 -21.39 -12.61
CA GLU A 79 -34.31 -22.42 -11.60
C GLU A 79 -33.03 -23.20 -11.99
N GLN A 80 -32.84 -23.44 -13.29
CA GLN A 80 -31.69 -24.17 -13.85
C GLN A 80 -30.78 -23.20 -14.63
N ALA A 81 -29.47 -23.31 -14.38
CA ALA A 81 -28.49 -22.40 -14.91
C ALA A 81 -28.42 -22.47 -16.43
N ARG A 82 -28.53 -23.70 -16.96
CA ARG A 82 -28.51 -23.94 -18.41
C ARG A 82 -29.54 -23.08 -19.09
N ALA A 83 -30.72 -22.97 -18.45
CA ALA A 83 -31.84 -22.20 -18.99
C ALA A 83 -31.53 -20.72 -19.01
N ALA A 84 -30.81 -20.24 -17.98
CA ALA A 84 -30.44 -18.84 -17.87
C ALA A 84 -29.46 -18.46 -18.96
N ALA A 85 -28.57 -19.40 -19.28
CA ALA A 85 -27.43 -19.14 -20.17
C ALA A 85 -27.75 -19.20 -21.65
N ARG A 86 -28.67 -20.08 -22.00
CA ARG A 86 -28.83 -20.45 -23.39
C ARG A 86 -28.94 -19.34 -24.43
N ASP A 87 -29.68 -18.28 -24.15
CA ASP A 87 -29.90 -17.23 -25.17
C ASP A 87 -28.96 -16.02 -25.01
N ALA A 88 -28.01 -16.15 -24.07
CA ALA A 88 -27.11 -15.06 -23.72
C ALA A 88 -26.08 -14.85 -24.80
N ASP A 89 -25.78 -13.59 -25.02
CA ASP A 89 -24.58 -13.16 -25.76
C ASP A 89 -23.34 -13.27 -24.89
N ILE A 90 -23.45 -12.86 -23.62
CA ILE A 90 -22.34 -12.89 -22.66
C ILE A 90 -22.87 -13.55 -21.38
N VAL A 91 -22.21 -14.62 -20.95
CA VAL A 91 -22.53 -15.23 -19.66
C VAL A 91 -21.45 -14.89 -18.64
N VAL A 92 -21.85 -14.25 -17.54
CA VAL A 92 -20.93 -13.83 -16.50
C VAL A 92 -21.06 -14.73 -15.28
N SER A 93 -20.02 -15.53 -15.00
CA SER A 93 -19.92 -16.24 -13.69
C SER A 93 -19.40 -15.42 -12.47
N MSE A 94 -20.18 -15.41 -11.40
CA MSE A 94 -19.77 -14.81 -10.15
C MSE A 94 -19.81 -15.87 -9.05
O MSE A 94 -20.23 -15.66 -7.89
CB MSE A 94 -20.65 -13.62 -9.86
CG MSE A 94 -20.42 -12.50 -10.88
SE MSE A 94 -21.63 -11.07 -10.53
CE MSE A 94 -21.03 -9.66 -11.78
N LEU A 95 -19.39 -17.05 -9.45
CA LEU A 95 -19.40 -18.18 -8.58
C LEU A 95 -18.17 -18.17 -7.64
N GLU A 96 -18.12 -19.11 -6.70
CA GLU A 96 -17.15 -19.08 -5.58
C GLU A 96 -15.75 -19.51 -5.98
N ASN A 97 -15.66 -20.70 -6.56
CA ASN A 97 -14.39 -21.31 -6.83
C ASN A 97 -14.46 -22.18 -8.06
N GLY A 98 -13.29 -22.77 -8.36
CA GLY A 98 -13.06 -23.65 -9.49
C GLY A 98 -13.96 -24.82 -9.65
N ALA A 99 -14.23 -25.55 -8.55
CA ALA A 99 -15.10 -26.77 -8.54
C ALA A 99 -16.53 -26.44 -8.93
N VAL A 100 -17.07 -25.42 -8.25
CA VAL A 100 -18.42 -24.93 -8.54
C VAL A 100 -18.51 -24.51 -10.00
N VAL A 101 -17.52 -23.76 -10.48
CA VAL A 101 -17.55 -23.32 -11.87
C VAL A 101 -17.58 -24.52 -12.83
N GLN A 102 -16.71 -25.50 -12.60
CA GLN A 102 -16.65 -26.74 -13.38
C GLN A 102 -18.00 -27.42 -13.41
N ASP A 103 -18.60 -27.59 -12.23
CA ASP A 103 -19.86 -28.29 -12.07
C ASP A 103 -20.96 -27.59 -12.87
N VAL A 104 -21.23 -26.34 -12.52
CA VAL A 104 -22.16 -25.52 -13.31
C VAL A 104 -21.97 -25.56 -14.87
N LEU A 105 -20.72 -25.39 -15.32
CA LEU A 105 -20.46 -25.37 -16.74
C LEU A 105 -20.71 -26.73 -17.37
N PHE A 106 -20.25 -27.79 -16.71
CA PHE A 106 -20.29 -29.11 -17.33
C PHE A 106 -21.29 -30.08 -16.66
N ALA A 107 -21.21 -30.29 -15.36
CA ALA A 107 -22.24 -31.13 -14.70
C ALA A 107 -23.69 -30.66 -14.96
N GLN A 108 -23.87 -29.33 -15.04
CA GLN A 108 -25.20 -28.70 -15.17
C GLN A 108 -25.48 -28.24 -16.61
N GLY A 109 -24.53 -28.46 -17.51
CA GLY A 109 -24.81 -28.30 -18.92
C GLY A 109 -24.97 -26.87 -19.44
N VAL A 110 -24.32 -25.93 -18.79
CA VAL A 110 -24.33 -24.52 -19.22
C VAL A 110 -23.54 -24.43 -20.52
N ALA A 111 -22.36 -25.05 -20.50
CA ALA A 111 -21.51 -24.96 -21.68
C ALA A 111 -22.22 -25.55 -22.87
N ALA A 112 -22.83 -26.71 -22.64
CA ALA A 112 -23.53 -27.49 -23.68
C ALA A 112 -24.58 -26.63 -24.33
N ALA A 113 -25.26 -25.83 -23.51
CA ALA A 113 -26.40 -25.02 -23.94
C ALA A 113 -26.11 -23.62 -24.52
N MSE A 114 -24.90 -23.09 -24.34
CA MSE A 114 -24.61 -21.76 -24.90
C MSE A 114 -24.59 -21.66 -26.44
O MSE A 114 -24.11 -22.57 -27.12
CB MSE A 114 -23.35 -21.16 -24.28
CG MSE A 114 -23.52 -20.69 -22.80
SE MSE A 114 -21.74 -20.26 -21.92
CE MSE A 114 -21.11 -18.67 -23.03
N LYS A 115 -25.11 -20.55 -26.96
CA LYS A 115 -25.01 -20.09 -28.37
C LYS A 115 -23.65 -20.27 -28.99
N PRO A 116 -23.60 -20.44 -30.32
CA PRO A 116 -22.30 -20.19 -30.93
C PRO A 116 -22.07 -18.66 -30.96
N GLY A 117 -20.81 -18.25 -30.92
CA GLY A 117 -20.45 -16.81 -30.84
C GLY A 117 -20.55 -16.16 -29.44
N SER A 118 -21.08 -16.87 -28.46
CA SER A 118 -21.32 -16.27 -27.18
C SER A 118 -19.97 -16.22 -26.42
N LEU A 119 -19.94 -15.43 -25.37
CA LEU A 119 -18.74 -15.27 -24.56
C LEU A 119 -19.04 -15.62 -23.10
N PHE A 120 -18.07 -16.25 -22.44
CA PHE A 120 -18.14 -16.55 -21.05
C PHE A 120 -17.09 -15.75 -20.30
N LEU A 121 -17.53 -14.95 -19.34
CA LEU A 121 -16.67 -14.07 -18.54
C LEU A 121 -16.59 -14.68 -17.17
N ASP A 122 -15.41 -15.17 -16.79
CA ASP A 122 -15.21 -15.65 -15.43
C ASP A 122 -14.61 -14.61 -14.52
N MSE A 123 -15.43 -14.17 -13.58
CA MSE A 123 -15.09 -13.22 -12.52
C MSE A 123 -14.80 -13.94 -11.25
O MSE A 123 -14.15 -13.39 -10.39
CB MSE A 123 -16.23 -12.28 -12.25
CG MSE A 123 -16.57 -11.46 -13.44
SE MSE A 123 -17.52 -9.85 -12.87
CE MSE A 123 -16.57 -8.61 -14.27
N ALA A 124 -15.30 -15.14 -11.07
CA ALA A 124 -14.92 -15.96 -9.88
C ALA A 124 -13.37 -15.94 -9.61
N SER A 125 -12.94 -16.06 -8.36
CA SER A 125 -11.49 -16.28 -8.11
C SER A 125 -11.22 -17.79 -8.32
N ILE A 126 -10.25 -18.08 -9.18
CA ILE A 126 -10.10 -19.41 -9.80
C ILE A 126 -8.65 -19.43 -10.26
N THR A 127 -7.98 -20.59 -10.25
CA THR A 127 -6.51 -20.58 -10.47
C THR A 127 -6.25 -20.32 -11.93
N PRO A 128 -5.14 -19.66 -12.28
CA PRO A 128 -4.93 -19.49 -13.72
C PRO A 128 -4.94 -20.85 -14.48
N ARG A 129 -4.44 -21.94 -13.83
CA ARG A 129 -4.51 -23.30 -14.40
C ARG A 129 -5.96 -23.68 -14.73
N GLU A 130 -6.85 -23.43 -13.77
CA GLU A 130 -8.27 -23.64 -14.01
C GLU A 130 -8.86 -22.76 -15.11
N ALA A 131 -8.48 -21.48 -15.13
CA ALA A 131 -8.94 -20.58 -16.22
C ALA A 131 -8.49 -21.12 -17.57
N ARG A 132 -7.23 -21.55 -17.71
CA ARG A 132 -6.76 -22.06 -19.03
C ARG A 132 -7.50 -23.35 -19.48
N ASP A 133 -7.69 -24.28 -18.53
CA ASP A 133 -8.50 -25.49 -18.66
C ASP A 133 -9.95 -25.22 -19.10
N HIS A 134 -10.63 -24.27 -18.45
CA HIS A 134 -12.00 -23.87 -18.85
C HIS A 134 -12.02 -23.18 -20.20
N ALA A 135 -11.02 -22.36 -20.45
CA ALA A 135 -10.88 -21.73 -21.76
C ALA A 135 -10.69 -22.78 -22.90
N ALA A 136 -9.92 -23.86 -22.63
CA ALA A 136 -9.73 -24.94 -23.62
C ALA A 136 -11.05 -25.70 -23.91
N ARG A 137 -11.76 -26.16 -22.85
CA ARG A 137 -13.02 -26.88 -23.02
C ARG A 137 -14.06 -26.05 -23.78
N LEU A 138 -14.38 -24.86 -23.29
CA LEU A 138 -15.33 -24.00 -24.02
C LEU A 138 -14.91 -23.75 -25.46
N GLY A 139 -13.63 -23.49 -25.70
CA GLY A 139 -13.16 -23.33 -27.06
C GLY A 139 -13.45 -24.59 -27.87
N ALA A 140 -13.21 -25.77 -27.27
CA ALA A 140 -13.62 -27.06 -27.89
C ALA A 140 -15.04 -26.91 -28.45
N LEU A 141 -15.87 -26.12 -27.77
CA LEU A 141 -17.28 -26.05 -28.10
C LEU A 141 -17.69 -24.78 -28.87
N GLY A 142 -16.74 -24.01 -29.37
CA GLY A 142 -17.06 -22.76 -30.10
C GLY A 142 -17.40 -21.56 -29.19
N ILE A 143 -17.04 -21.66 -27.93
CA ILE A 143 -17.36 -20.58 -26.96
C ILE A 143 -16.08 -19.99 -26.42
N ALA A 144 -16.02 -18.67 -26.57
CA ALA A 144 -14.96 -17.81 -26.06
C ALA A 144 -14.99 -17.70 -24.54
N HIS A 145 -13.85 -17.40 -23.95
CA HIS A 145 -13.66 -17.32 -22.53
C HIS A 145 -12.70 -16.17 -22.32
N LEU A 146 -13.01 -15.29 -21.38
CA LEU A 146 -12.02 -14.39 -20.81
C LEU A 146 -12.08 -14.59 -19.34
N ASP A 147 -11.01 -14.24 -18.65
CA ASP A 147 -11.02 -14.37 -17.20
C ASP A 147 -10.84 -12.93 -16.78
N THR A 148 -11.86 -12.43 -16.08
CA THR A 148 -11.99 -11.01 -15.82
C THR A 148 -12.29 -10.70 -14.35
N PRO A 149 -11.36 -11.08 -13.44
CA PRO A 149 -11.53 -10.66 -12.01
C PRO A 149 -11.42 -9.18 -11.78
N VAL A 150 -11.98 -8.77 -10.65
CA VAL A 150 -12.10 -7.36 -10.26
C VAL A 150 -11.42 -7.06 -8.93
N SER A 151 -10.95 -5.83 -8.79
CA SER A 151 -10.67 -5.30 -7.45
C SER A 151 -11.50 -4.00 -7.26
N GLY A 152 -11.78 -3.64 -6.01
CA GLY A 152 -12.51 -2.41 -5.75
C GLY A 152 -13.66 -2.41 -4.77
N GLY A 153 -14.11 -3.59 -4.31
CA GLY A 153 -15.12 -3.67 -3.23
C GLY A 153 -16.51 -3.08 -3.53
N THR A 154 -17.26 -2.77 -2.48
CA THR A 154 -18.64 -2.40 -2.68
C THR A 154 -18.93 -1.06 -3.38
N VAL A 155 -18.22 0.01 -3.09
CA VAL A 155 -18.58 1.26 -3.76
C VAL A 155 -18.02 1.46 -5.20
N GLY A 156 -16.95 0.78 -5.53
CA GLY A 156 -16.56 0.66 -6.94
C GLY A 156 -17.66 -0.02 -7.74
N ALA A 157 -18.24 -1.06 -7.14
CA ALA A 157 -19.36 -1.77 -7.72
C ALA A 157 -20.56 -0.82 -7.94
N GLU A 158 -20.96 -0.10 -6.90
CA GLU A 158 -22.05 0.87 -7.05
C GLU A 158 -21.71 2.05 -7.98
N GLN A 159 -20.47 2.52 -7.99
CA GLN A 159 -20.07 3.72 -8.78
C GLN A 159 -19.56 3.48 -10.18
N GLY A 160 -19.36 2.18 -10.48
CA GLY A 160 -18.77 1.73 -11.76
C GLY A 160 -17.33 2.13 -11.87
N THR A 161 -16.62 2.00 -10.77
CA THR A 161 -15.21 2.38 -10.72
C THR A 161 -14.42 1.15 -10.19
N LEU A 162 -14.91 -0.07 -10.51
CA LEU A 162 -14.10 -1.30 -10.31
C LEU A 162 -12.91 -1.17 -11.23
N VAL A 163 -11.90 -1.94 -10.89
CA VAL A 163 -10.77 -2.25 -11.75
C VAL A 163 -10.85 -3.75 -12.13
N ILE A 164 -10.76 -4.04 -13.43
CA ILE A 164 -10.99 -5.37 -14.00
C ILE A 164 -9.74 -5.83 -14.77
N MSE A 165 -9.30 -7.02 -14.43
CA MSE A 165 -8.07 -7.55 -14.95
C MSE A 165 -8.40 -8.76 -15.80
O MSE A 165 -8.75 -9.85 -15.23
CB MSE A 165 -7.16 -8.01 -13.79
CG MSE A 165 -6.65 -6.93 -12.82
SE MSE A 165 -6.74 -7.82 -10.99
CE MSE A 165 -8.58 -7.41 -10.79
N ALA A 166 -8.21 -8.61 -17.10
CA ALA A 166 -8.68 -9.56 -18.12
C ALA A 166 -7.61 -10.45 -18.76
N GLY A 167 -7.92 -11.74 -18.91
CA GLY A 167 -7.01 -12.70 -19.61
C GLY A 167 -7.80 -13.20 -20.81
N GLY A 168 -7.16 -13.25 -22.00
CA GLY A 168 -7.75 -13.94 -23.17
C GLY A 168 -7.31 -13.30 -24.48
N LYS A 169 -8.12 -13.46 -25.54
CA LYS A 169 -7.70 -13.03 -26.88
C LYS A 169 -8.13 -11.57 -27.12
N PRO A 170 -7.34 -10.76 -27.88
CA PRO A 170 -7.72 -9.35 -28.01
C PRO A 170 -9.12 -9.16 -28.59
N ALA A 171 -9.46 -9.88 -29.65
CA ALA A 171 -10.80 -9.81 -30.25
C ALA A 171 -11.93 -10.10 -29.27
N ASP A 172 -11.76 -11.10 -28.39
CA ASP A 172 -12.78 -11.41 -27.41
C ASP A 172 -12.88 -10.27 -26.38
N PHE A 173 -11.70 -9.75 -25.95
CA PHE A 173 -11.67 -8.67 -25.01
C PHE A 173 -12.32 -7.44 -25.60
N GLU A 174 -12.07 -7.12 -26.88
CA GLU A 174 -12.84 -6.00 -27.47
C GLU A 174 -14.34 -6.31 -27.51
N ARG A 175 -14.70 -7.51 -27.89
CA ARG A 175 -16.11 -7.85 -27.80
C ARG A 175 -16.69 -7.55 -26.42
N SER A 176 -15.86 -7.69 -25.39
CA SER A 176 -16.29 -7.59 -24.01
C SER A 176 -16.39 -6.22 -23.49
N LEU A 177 -15.62 -5.33 -24.13
CA LEU A 177 -15.22 -4.14 -23.45
C LEU A 177 -16.42 -3.27 -23.08
N PRO A 178 -17.43 -3.14 -24.01
CA PRO A 178 -18.59 -2.31 -23.65
C PRO A 178 -19.27 -2.84 -22.37
N LEU A 179 -19.39 -4.17 -22.22
CA LEU A 179 -20.02 -4.67 -20.97
C LEU A 179 -19.11 -4.34 -19.81
N LEU A 180 -17.79 -4.49 -20.05
CA LEU A 180 -16.82 -4.25 -19.02
C LEU A 180 -16.84 -2.82 -18.51
N LYS A 181 -16.87 -1.83 -19.43
CA LYS A 181 -16.93 -0.39 -19.07
C LYS A 181 -18.05 -0.02 -18.12
N VAL A 182 -19.16 -0.74 -18.17
CA VAL A 182 -20.26 -0.51 -17.26
C VAL A 182 -19.78 -0.72 -15.80
N PHE A 183 -18.84 -1.66 -15.60
CA PHE A 183 -18.44 -1.98 -14.22
C PHE A 183 -17.23 -1.22 -13.76
N GLY A 184 -16.32 -0.89 -14.68
CA GLY A 184 -15.20 -0.05 -14.27
C GLY A 184 -14.18 0.10 -15.34
N ARG A 185 -12.94 0.33 -14.94
CA ARG A 185 -11.87 0.36 -15.92
C ARG A 185 -11.27 -1.06 -16.13
N ALA A 186 -11.31 -1.58 -17.35
CA ALA A 186 -10.74 -2.91 -17.65
C ALA A 186 -9.45 -2.77 -18.40
N THR A 187 -8.54 -3.69 -18.10
CA THR A 187 -7.21 -3.71 -18.68
C THR A 187 -6.93 -5.13 -19.13
N HIS A 188 -6.45 -5.22 -20.35
CA HIS A 188 -6.17 -6.51 -20.95
C HIS A 188 -4.77 -6.92 -20.57
N VAL A 189 -4.63 -7.97 -19.76
CA VAL A 189 -3.34 -8.23 -19.11
C VAL A 189 -2.51 -9.28 -19.82
N GLY A 190 -3.14 -10.08 -20.68
CA GLY A 190 -2.46 -11.21 -21.31
C GLY A 190 -3.48 -12.24 -21.78
N PRO A 191 -3.01 -13.49 -22.10
CA PRO A 191 -3.81 -14.60 -22.62
C PRO A 191 -4.54 -15.30 -21.51
N HIS A 192 -5.41 -16.25 -21.83
CA HIS A 192 -6.18 -17.03 -20.83
C HIS A 192 -5.38 -17.29 -19.56
N GLY A 193 -5.98 -16.97 -18.41
CA GLY A 193 -5.42 -17.20 -17.07
C GLY A 193 -4.64 -16.02 -16.57
N SER A 194 -4.28 -15.11 -17.47
CA SER A 194 -3.62 -13.85 -17.12
C SER A 194 -4.38 -12.92 -16.13
N GLY A 195 -5.70 -12.87 -16.24
CA GLY A 195 -6.52 -12.07 -15.37
C GLY A 195 -6.41 -12.71 -14.00
N GLN A 196 -6.61 -14.02 -13.91
CA GLN A 196 -6.50 -14.67 -12.59
C GLN A 196 -5.12 -14.48 -11.98
N LEU A 197 -4.14 -14.43 -12.84
CA LEU A 197 -2.79 -14.28 -12.36
C LEU A 197 -2.59 -12.89 -11.84
N THR A 198 -3.17 -11.88 -12.54
CA THR A 198 -3.02 -10.49 -12.09
C THR A 198 -3.83 -10.36 -10.83
N LYS A 199 -5.01 -10.99 -10.83
CA LYS A 199 -5.76 -11.10 -9.61
C LYS A 199 -4.95 -11.62 -8.37
N LEU A 200 -4.03 -12.58 -8.54
CA LEU A 200 -3.37 -13.19 -7.33
C LEU A 200 -2.23 -12.25 -6.94
N ALA A 201 -1.53 -11.64 -7.93
CA ALA A 201 -0.65 -10.52 -7.62
C ALA A 201 -1.37 -9.49 -6.76
N ASN A 202 -2.58 -9.08 -7.12
CA ASN A 202 -3.35 -7.97 -6.39
C ASN A 202 -3.71 -8.49 -4.98
N GLN A 203 -4.11 -9.75 -4.90
CA GLN A 203 -4.38 -10.29 -3.50
C GLN A 203 -3.13 -10.47 -2.58
N MSE A 204 -2.04 -10.97 -3.09
CA MSE A 204 -0.73 -10.82 -2.40
C MSE A 204 -0.49 -9.41 -1.86
O MSE A 204 -0.14 -9.24 -0.72
CB MSE A 204 0.41 -11.11 -3.38
CG MSE A 204 0.45 -12.52 -3.74
SE MSE A 204 1.59 -12.99 -5.27
CE MSE A 204 0.24 -14.13 -5.98
N ILE A 205 -0.60 -8.39 -2.72
CA ILE A 205 -0.35 -7.02 -2.23
C ILE A 205 -1.39 -6.64 -1.20
N VAL A 206 -2.64 -6.98 -1.39
CA VAL A 206 -3.60 -6.61 -0.36
C VAL A 206 -3.31 -7.39 0.95
N GLY A 207 -3.10 -8.69 0.84
CA GLY A 207 -2.86 -9.55 2.00
C GLY A 207 -1.63 -9.17 2.79
N ILE A 208 -0.56 -8.79 2.13
CA ILE A 208 0.62 -8.32 2.85
C ILE A 208 0.46 -6.89 3.44
N THR A 209 -0.17 -5.96 2.72
CA THR A 209 -0.30 -4.60 3.14
C THR A 209 -1.18 -4.49 4.38
N ILE A 210 -2.21 -5.31 4.41
CA ILE A 210 -3.00 -5.49 5.60
C ILE A 210 -2.12 -5.76 6.84
N GLY A 211 -1.24 -6.74 6.76
CA GLY A 211 -0.35 -7.07 7.87
C GLY A 211 0.70 -5.99 8.15
N ALA A 212 1.25 -5.39 7.11
CA ALA A 212 2.14 -4.26 7.32
C ALA A 212 1.42 -3.11 8.10
N VAL A 213 0.17 -2.88 7.79
CA VAL A 213 -0.52 -1.79 8.42
C VAL A 213 -0.92 -2.21 9.87
N ALA A 214 -1.20 -3.49 10.11
CA ALA A 214 -1.65 -3.87 11.43
C ALA A 214 -0.40 -3.79 12.30
N GLU A 215 0.71 -4.31 11.78
CA GLU A 215 1.93 -4.34 12.56
C GLU A 215 2.52 -2.98 12.90
N ALA A 216 2.46 -2.02 11.98
CA ALA A 216 2.95 -0.72 12.28
C ALA A 216 2.02 0.07 13.21
N LEU A 217 0.72 -0.14 13.10
CA LEU A 217 -0.21 0.55 13.96
C LEU A 217 -0.18 0.01 15.37
N LEU A 218 0.05 -1.29 15.48
CA LEU A 218 0.22 -1.86 16.80
C LEU A 218 1.54 -1.43 17.45
N PHE A 219 2.62 -1.48 16.70
CA PHE A 219 3.91 -0.99 17.15
C PHE A 219 3.77 0.44 17.69
N ALA A 220 3.17 1.32 16.90
CA ALA A 220 3.03 2.70 17.32
C ALA A 220 2.29 2.78 18.66
N THR A 221 1.20 2.02 18.76
CA THR A 221 0.35 1.96 19.92
C THR A 221 1.00 1.35 21.17
N LYS A 222 1.67 0.19 21.09
CA LYS A 222 2.42 -0.30 22.27
C LYS A 222 3.37 0.81 22.74
N GLY A 223 3.90 1.58 21.78
CA GLY A 223 4.80 2.71 22.06
C GLY A 223 4.15 3.98 22.63
N GLY A 224 2.83 3.92 22.88
CA GLY A 224 2.07 5.03 23.50
C GLY A 224 1.77 6.15 22.52
N ALA A 225 1.16 5.76 21.39
CA ALA A 225 0.95 6.66 20.26
C ALA A 225 -0.50 6.93 19.86
N ASP A 226 -1.42 5.99 20.11
CA ASP A 226 -2.84 6.14 19.65
C ASP A 226 -3.00 6.04 18.12
N MSE A 227 -3.65 4.95 17.77
CA MSE A 227 -3.79 4.57 16.41
C MSE A 227 -4.38 5.59 15.47
O MSE A 227 -3.93 5.69 14.31
CB MSE A 227 -4.64 3.34 16.39
CG MSE A 227 -3.85 2.14 16.81
SE MSE A 227 -4.75 0.60 16.13
CE MSE A 227 -5.45 1.36 14.51
N ALA A 228 -5.38 6.32 15.93
CA ALA A 228 -6.07 7.21 15.00
C ALA A 228 -5.14 8.31 14.52
N LYS A 229 -4.29 8.83 15.43
CA LYS A 229 -3.51 10.05 15.09
C LYS A 229 -2.40 9.69 14.14
N VAL A 230 -1.74 8.58 14.45
CA VAL A 230 -0.77 7.96 13.59
C VAL A 230 -1.31 7.74 12.17
N LYS A 231 -2.54 7.27 12.04
CA LYS A 231 -3.08 7.04 10.71
C LYS A 231 -3.21 8.36 10.02
N GLU A 232 -3.68 9.36 10.79
CA GLU A 232 -3.93 10.70 10.29
C GLU A 232 -2.63 11.37 9.88
N ALA A 233 -1.54 10.97 10.55
CA ALA A 233 -0.22 11.63 10.36
C ALA A 233 0.45 11.14 9.07
N ILE A 234 0.48 9.83 8.92
CA ILE A 234 1.06 9.23 7.70
C ILE A 234 0.18 9.27 6.43
N THR A 235 -1.04 9.83 6.52
CA THR A 235 -1.94 9.92 5.35
C THR A 235 -1.34 10.95 4.37
N GLY A 236 -1.11 10.56 3.12
CA GLY A 236 -0.62 11.49 2.14
C GLY A 236 0.87 11.50 1.94
N GLY A 237 1.56 10.58 2.63
CA GLY A 237 3.00 10.34 2.48
C GLY A 237 3.27 9.00 1.82
N PHE A 238 4.51 8.50 1.98
CA PHE A 238 4.92 7.29 1.29
C PHE A 238 4.20 6.07 1.86
N ALA A 239 3.66 6.18 3.06
CA ALA A 239 3.02 5.00 3.68
C ALA A 239 1.54 4.93 3.28
N ASP A 240 1.08 5.85 2.45
CA ASP A 240 -0.36 5.90 2.21
C ASP A 240 -0.77 4.87 1.17
N SER A 241 -1.96 4.28 1.35
CA SER A 241 -2.45 3.23 0.46
C SER A 241 -3.99 3.09 0.54
N ARG A 242 -4.60 2.38 -0.42
CA ARG A 242 -6.03 2.08 -0.31
C ARG A 242 -6.29 1.14 0.89
N VAL A 243 -5.32 0.26 1.20
CA VAL A 243 -5.44 -0.62 2.38
C VAL A 243 -5.39 0.15 3.70
N LEU A 244 -4.47 1.14 3.83
CA LEU A 244 -4.45 1.96 5.05
C LEU A 244 -5.79 2.68 5.24
N GLN A 245 -6.28 3.37 4.22
CA GLN A 245 -7.54 4.12 4.33
C GLN A 245 -8.77 3.21 4.54
N LEU A 246 -8.82 2.04 3.90
CA LEU A 246 -10.05 1.25 4.07
C LEU A 246 -9.91 0.36 5.29
N HIS A 247 -9.11 -0.70 5.20
CA HIS A 247 -8.87 -1.61 6.33
C HIS A 247 -8.25 -1.03 7.58
N GLY A 248 -7.44 0.01 7.42
CA GLY A 248 -6.81 0.62 8.57
C GLY A 248 -7.82 1.34 9.47
N GLN A 249 -8.80 2.02 8.85
CA GLN A 249 -9.87 2.67 9.59
C GLN A 249 -10.67 1.64 10.38
N ARG A 250 -10.88 0.45 9.78
CA ARG A 250 -11.53 -0.68 10.46
C ARG A 250 -10.64 -1.22 11.58
N MSE A 251 -9.35 -0.98 11.47
CA MSE A 251 -8.47 -1.48 12.50
C MSE A 251 -8.56 -0.56 13.71
O MSE A 251 -8.65 -1.01 14.88
CB MSE A 251 -7.03 -1.59 12.02
CG MSE A 251 -6.82 -2.75 11.06
SE MSE A 251 -5.01 -2.66 10.34
CE MSE A 251 -5.42 -3.89 8.79
N VAL A 252 -8.57 0.74 13.39
CA VAL A 252 -8.70 1.82 14.35
C VAL A 252 -10.00 1.65 15.13
N GLU A 253 -11.10 1.33 14.44
CA GLU A 253 -12.44 1.22 15.06
C GLU A 253 -12.79 -0.20 15.54
N ARG A 254 -11.79 -1.01 15.83
CA ARG A 254 -11.97 -2.46 15.97
C ARG A 254 -13.20 -3.09 15.24
N ASP A 255 -13.48 -2.62 14.02
CA ASP A 255 -14.65 -3.08 13.26
C ASP A 255 -14.27 -4.23 12.29
N PHE A 256 -14.33 -5.46 12.77
CA PHE A 256 -13.88 -6.56 11.97
C PHE A 256 -15.03 -7.38 11.35
N ALA A 257 -16.21 -6.78 11.26
CA ALA A 257 -17.31 -7.46 10.56
C ALA A 257 -16.94 -7.74 9.11
N PRO A 258 -17.21 -8.97 8.64
CA PRO A 258 -16.69 -9.44 7.35
C PRO A 258 -17.27 -8.76 6.12
N ARG A 259 -16.43 -8.22 5.23
CA ARG A 259 -16.95 -7.86 3.89
C ARG A 259 -16.41 -8.87 2.87
N ALA A 260 -15.11 -9.11 2.93
CA ALA A 260 -14.46 -10.27 2.34
C ALA A 260 -13.81 -11.04 3.51
N ARG A 261 -14.25 -12.26 3.75
CA ARG A 261 -13.87 -13.00 4.97
C ARG A 261 -12.36 -13.23 5.03
N LEU A 262 -11.85 -13.44 6.24
CA LEU A 262 -10.43 -13.73 6.46
C LEU A 262 -10.10 -14.99 5.66
N SER A 263 -11.01 -15.95 5.60
CA SER A 263 -10.67 -17.25 4.92
C SER A 263 -10.60 -17.17 3.38
N ILE A 264 -11.21 -16.15 2.84
CA ILE A 264 -11.09 -15.87 1.41
C ILE A 264 -9.67 -15.38 1.15
N GLN A 265 -9.15 -14.52 2.01
CA GLN A 265 -7.77 -14.04 1.82
C GLN A 265 -6.78 -15.20 1.95
N LEU A 266 -7.05 -16.15 2.86
CA LEU A 266 -6.23 -17.36 3.04
C LEU A 266 -6.18 -18.13 1.73
N LYS A 267 -7.36 -18.35 1.15
CA LYS A 267 -7.48 -19.00 -0.12
C LYS A 267 -6.70 -18.21 -1.17
N ASP A 268 -6.81 -16.89 -1.20
CA ASP A 268 -6.03 -16.14 -2.20
C ASP A 268 -4.56 -16.43 -1.99
N MSE A 269 -4.08 -16.38 -0.76
CA MSE A 269 -2.66 -16.73 -0.48
C MSE A 269 -2.27 -18.15 -0.96
O MSE A 269 -1.28 -18.30 -1.63
CB MSE A 269 -2.29 -16.55 1.02
CG MSE A 269 -2.61 -15.18 1.66
SE MSE A 269 -1.78 -13.57 0.72
CE MSE A 269 -3.03 -13.34 -0.77
N ARG A 270 -3.11 -19.14 -0.64
CA ARG A 270 -2.90 -20.53 -1.03
C ARG A 270 -2.88 -20.72 -2.54
N ASN A 271 -3.88 -20.20 -3.23
CA ASN A 271 -3.83 -20.18 -4.70
C ASN A 271 -2.61 -19.47 -5.30
N ALA A 272 -2.10 -18.48 -4.61
CA ALA A 272 -0.96 -17.72 -5.17
C ALA A 272 0.28 -18.58 -5.00
N LEU A 273 0.30 -19.33 -3.90
CA LEU A 273 1.43 -20.16 -3.61
C LEU A 273 1.46 -21.44 -4.48
N ALA A 274 0.30 -21.99 -4.80
CA ALA A 274 0.13 -23.12 -5.71
C ALA A 274 0.53 -22.75 -7.11
N THR A 275 0.11 -21.57 -7.50
CA THR A 275 0.56 -21.01 -8.76
C THR A 275 2.04 -20.80 -8.73
N ALA A 276 2.56 -20.28 -7.64
CA ALA A 276 4.05 -20.07 -7.65
C ALA A 276 4.83 -21.42 -7.84
N GLN A 277 4.39 -22.53 -7.22
CA GLN A 277 5.20 -23.70 -7.30
C GLN A 277 5.10 -24.34 -8.67
N GLU A 278 3.96 -24.11 -9.34
CA GLU A 278 3.76 -24.54 -10.71
C GLU A 278 4.55 -23.73 -11.73
N ILE A 279 4.69 -22.43 -11.55
CA ILE A 279 5.50 -21.61 -12.52
C ILE A 279 6.98 -21.49 -12.13
N GLY A 280 7.37 -22.27 -11.12
CA GLY A 280 8.74 -22.16 -10.62
C GLY A 280 9.15 -20.83 -9.98
N PHE A 281 8.37 -20.28 -9.05
CA PHE A 281 8.68 -18.94 -8.47
C PHE A 281 8.76 -19.12 -6.99
N ASP A 282 9.78 -18.51 -6.41
CA ASP A 282 9.93 -18.53 -4.98
C ASP A 282 9.33 -17.26 -4.38
N ALA A 283 8.34 -17.39 -3.49
CA ALA A 283 7.68 -16.22 -2.88
C ALA A 283 7.69 -16.27 -1.36
N PRO A 284 8.79 -15.83 -0.69
CA PRO A 284 8.91 -15.94 0.79
C PRO A 284 7.93 -15.03 1.53
N ILE A 285 7.75 -13.79 1.05
CA ILE A 285 6.81 -12.85 1.70
C ILE A 285 5.37 -13.41 1.83
N THR A 286 4.85 -13.89 0.70
CA THR A 286 3.58 -14.56 0.66
C THR A 286 3.59 -15.87 1.47
N GLY A 287 4.72 -16.60 1.45
CA GLY A 287 4.90 -17.77 2.35
C GLY A 287 4.69 -17.41 3.83
N LEU A 288 5.31 -16.34 4.28
CA LEU A 288 5.10 -15.87 5.65
C LEU A 288 3.65 -15.51 5.86
N PHE A 289 3.07 -14.77 4.91
CA PHE A 289 1.63 -14.39 5.06
C PHE A 289 0.59 -15.51 4.99
N GLU A 290 0.83 -16.54 4.19
CA GLU A 290 -0.04 -17.71 4.25
C GLU A 290 -0.02 -18.28 5.69
N GLN A 291 1.18 -18.43 6.27
CA GLN A 291 1.33 -18.99 7.65
C GLN A 291 0.54 -18.15 8.62
N LEU A 292 0.69 -16.83 8.52
CA LEU A 292 0.02 -15.93 9.45
C LEU A 292 -1.48 -15.98 9.31
N TYR A 293 -1.95 -16.10 8.07
CA TYR A 293 -3.37 -16.21 7.86
C TYR A 293 -3.86 -17.59 8.30
N ALA A 294 -3.06 -18.62 8.04
CA ALA A 294 -3.39 -19.99 8.44
C ALA A 294 -3.49 -20.03 9.96
N GLU A 295 -2.57 -19.32 10.64
CA GLU A 295 -2.54 -19.18 12.11
C GLU A 295 -3.72 -18.37 12.64
N GLY A 296 -4.41 -17.67 11.76
CA GLY A 296 -5.62 -16.95 12.14
C GLY A 296 -6.89 -17.78 12.04
N VAL A 297 -7.05 -18.53 10.94
CA VAL A 297 -8.27 -19.32 10.71
C VAL A 297 -8.43 -20.37 11.82
N GLU A 298 -7.35 -21.11 12.11
CA GLU A 298 -7.23 -21.79 13.38
C GLU A 298 -7.08 -20.60 14.32
N HIS A 299 -7.60 -20.69 15.55
CA HIS A 299 -7.82 -19.51 16.40
C HIS A 299 -9.16 -18.80 16.13
N GLY A 300 -9.96 -19.35 15.23
CA GLY A 300 -11.37 -18.94 15.07
C GLY A 300 -11.61 -17.59 14.44
N LEU A 301 -10.76 -17.19 13.50
CA LEU A 301 -10.92 -15.88 12.87
C LEU A 301 -11.51 -15.92 11.44
N THR A 302 -12.00 -17.09 11.04
CA THR A 302 -12.35 -17.35 9.64
C THR A 302 -13.33 -16.33 9.09
N ASP A 303 -14.11 -15.73 10.01
CA ASP A 303 -15.32 -15.02 9.62
C ASP A 303 -15.25 -13.55 9.92
N LEU A 304 -14.13 -13.15 10.52
CA LEU A 304 -13.80 -11.74 10.53
C LEU A 304 -13.46 -11.35 9.10
N ASP A 305 -13.59 -10.06 8.82
CA ASP A 305 -13.05 -9.42 7.62
C ASP A 305 -11.57 -9.73 7.49
N GLN A 306 -11.06 -9.58 6.27
CA GLN A 306 -9.61 -9.68 5.97
C GLN A 306 -8.68 -8.81 6.88
N SER A 307 -9.16 -7.65 7.33
CA SER A 307 -8.38 -6.78 8.21
C SER A 307 -8.24 -7.41 9.59
N GLY A 308 -9.03 -8.46 9.83
CA GLY A 308 -9.07 -9.18 11.08
C GLY A 308 -7.73 -9.81 11.40
N LEU A 309 -6.74 -9.60 10.53
CA LEU A 309 -5.39 -10.13 10.74
C LEU A 309 -4.67 -9.37 11.85
N PHE A 310 -5.01 -8.10 11.97
CA PHE A 310 -4.76 -7.32 13.15
C PHE A 310 -4.96 -8.13 14.44
N VAL A 311 -6.10 -8.83 14.54
CA VAL A 311 -6.42 -9.59 15.75
C VAL A 311 -5.34 -10.64 16.00
N GLU A 312 -5.00 -11.41 14.96
CA GLU A 312 -3.90 -12.38 15.03
C GLU A 312 -2.66 -11.72 15.58
N LEU A 313 -2.33 -10.53 15.08
CA LEU A 313 -1.05 -9.89 15.44
C LEU A 313 -1.08 -9.13 16.78
N ALA A 314 -2.24 -8.57 17.13
CA ALA A 314 -2.43 -8.10 18.50
C ALA A 314 -2.14 -9.20 19.54
N SER A 315 -2.87 -10.32 19.49
CA SER A 315 -2.76 -11.34 20.57
C SER A 315 -1.33 -11.76 20.87
N ARG A 316 -0.53 -11.90 19.84
CA ARG A 316 0.90 -12.24 19.96
C ARG A 316 1.64 -11.39 21.01
N ARG B 32 9.97 34.28 13.54
CA ARG B 32 10.59 35.04 12.39
C ARG B 32 12.03 34.59 11.97
N LYS B 33 12.82 34.08 12.91
CA LYS B 33 14.22 33.77 12.63
C LYS B 33 14.51 32.28 12.72
N ILE B 34 14.98 31.70 11.61
CA ILE B 34 15.12 30.26 11.55
C ILE B 34 16.58 29.85 11.35
N THR B 35 17.00 28.78 11.99
CA THR B 35 18.26 28.18 11.63
C THR B 35 18.11 26.72 11.21
N PHE B 36 18.84 26.38 10.13
CA PHE B 36 19.08 24.97 9.74
C PHE B 36 20.45 24.45 10.13
N LEU B 37 20.45 23.34 10.85
CA LEU B 37 21.63 22.57 11.15
C LEU B 37 21.71 21.41 10.20
N GLY B 38 22.58 21.51 9.21
CA GLY B 38 22.63 20.49 8.17
C GLY B 38 21.52 20.73 7.15
N THR B 39 21.63 20.04 6.04
CA THR B 39 20.60 20.03 5.03
C THR B 39 20.25 18.57 4.75
N MSE B 42 16.84 16.74 1.41
CA MSE B 42 15.65 17.58 1.11
C MSE B 42 15.72 19.05 1.57
O MSE B 42 14.82 19.83 1.31
CB MSE B 42 14.39 16.95 1.69
CG MSE B 42 13.77 15.78 0.92
SE MSE B 42 12.49 14.92 2.11
CE MSE B 42 13.50 13.33 2.65
N GLY B 43 16.80 19.44 2.26
CA GLY B 43 16.87 20.76 2.86
C GLY B 43 16.90 21.96 1.95
N LEU B 44 17.40 21.79 0.73
CA LEU B 44 17.47 22.92 -0.22
C LEU B 44 16.09 23.43 -0.70
N PRO B 45 15.25 22.53 -1.27
CA PRO B 45 13.88 22.97 -1.62
C PRO B 45 13.09 23.50 -0.40
N MSE B 46 13.32 22.94 0.79
CA MSE B 46 12.66 23.43 2.03
C MSE B 46 13.10 24.85 2.43
O MSE B 46 12.30 25.67 2.90
CB MSE B 46 12.88 22.47 3.22
CG MSE B 46 12.19 21.17 3.06
SE MSE B 46 12.78 19.83 4.38
CE MSE B 46 11.87 20.50 5.99
N ALA B 47 14.37 25.14 2.23
CA ALA B 47 14.86 26.48 2.52
C ALA B 47 14.40 27.50 1.49
N ARG B 48 14.25 27.05 0.24
CA ARG B 48 13.69 27.87 -0.83
C ARG B 48 12.32 28.38 -0.37
N ARG B 49 11.45 27.43 -0.02
CA ARG B 49 10.10 27.71 0.44
C ARG B 49 10.13 28.61 1.68
N LEU B 50 11.06 28.34 2.59
CA LEU B 50 11.18 29.11 3.83
C LEU B 50 11.40 30.58 3.49
N CYS B 51 12.33 30.80 2.57
CA CYS B 51 12.82 32.13 2.26
C CYS B 51 11.79 32.96 1.50
N GLU B 52 11.19 32.34 0.48
CA GLU B 52 10.03 32.92 -0.19
C GLU B 52 8.94 33.29 0.82
N ALA B 53 8.59 32.33 1.69
CA ALA B 53 7.56 32.55 2.68
C ALA B 53 7.87 33.65 3.69
N GLY B 54 9.02 34.32 3.54
CA GLY B 54 9.34 35.54 4.32
C GLY B 54 10.23 35.37 5.57
N TYR B 55 10.70 34.16 5.81
CA TYR B 55 11.53 33.92 6.96
C TYR B 55 12.96 34.35 6.65
N ALA B 56 13.69 34.79 7.68
CA ALA B 56 15.14 34.94 7.59
C ALA B 56 15.84 33.61 7.98
N LEU B 57 16.88 33.25 7.25
CA LEU B 57 17.47 31.92 7.46
C LEU B 57 18.96 31.95 7.77
N GLN B 58 19.34 31.11 8.74
CA GLN B 58 20.74 30.90 8.99
C GLN B 58 21.05 29.44 8.89
N VAL B 59 22.23 29.16 8.38
CA VAL B 59 22.60 27.78 8.12
C VAL B 59 23.98 27.45 8.68
N TRP B 60 24.11 26.24 9.18
CA TRP B 60 25.39 25.56 9.30
C TRP B 60 25.39 24.22 8.55
N ASN B 61 26.33 24.11 7.63
CA ASN B 61 26.32 23.16 6.53
C ASN B 61 27.66 22.37 6.54
N ARG B 62 27.66 21.13 6.04
CA ARG B 62 28.92 20.41 5.85
C ARG B 62 29.31 20.41 4.36
N THR B 63 28.34 20.66 3.47
CA THR B 63 28.59 20.53 2.04
C THR B 63 28.62 21.89 1.26
N PRO B 64 29.80 22.22 0.71
CA PRO B 64 30.02 23.58 0.20
C PRO B 64 29.04 24.00 -0.90
N ALA B 65 28.74 23.08 -1.82
CA ALA B 65 27.82 23.36 -2.93
C ALA B 65 26.39 23.69 -2.45
N ARG B 66 25.94 22.96 -1.43
CA ARG B 66 24.66 23.25 -0.79
C ARG B 66 24.65 24.61 -0.09
N ALA B 67 25.72 24.93 0.62
CA ALA B 67 25.91 26.25 1.22
C ALA B 67 25.89 27.34 0.15
N ALA B 68 26.53 27.06 -0.99
CA ALA B 68 26.42 27.93 -2.18
C ALA B 68 24.98 28.19 -2.59
N SER B 69 24.19 27.13 -2.75
CA SER B 69 22.81 27.31 -3.23
C SER B 69 21.97 28.16 -2.27
N LEU B 70 22.16 27.86 -0.97
CA LEU B 70 21.48 28.54 0.13
C LEU B 70 21.88 29.98 0.18
N ALA B 71 23.18 30.22 0.04
CA ALA B 71 23.72 31.57 -0.11
C ALA B 71 22.97 32.30 -1.20
N ALA B 72 22.82 31.66 -2.35
CA ALA B 72 22.02 32.21 -3.44
C ALA B 72 20.60 32.63 -3.05
N LEU B 73 19.96 31.91 -2.13
CA LEU B 73 18.59 32.26 -1.76
C LEU B 73 18.47 33.40 -0.74
N GLY B 74 19.59 33.87 -0.19
CA GLY B 74 19.57 34.82 0.94
C GLY B 74 19.99 34.33 2.33
N ALA B 75 20.07 33.01 2.52
CA ALA B 75 20.51 32.45 3.79
C ALA B 75 21.91 32.94 4.15
N THR B 76 22.15 33.28 5.41
CA THR B 76 23.54 33.50 5.79
C THR B 76 24.13 32.20 6.38
N ILE B 77 25.24 31.76 5.80
CA ILE B 77 25.95 30.53 6.19
C ILE B 77 27.00 30.82 7.24
N HIS B 78 26.91 30.10 8.35
CA HIS B 78 27.86 30.23 9.47
C HIS B 78 28.88 29.12 9.51
N GLU B 79 30.01 29.44 10.14
CA GLU B 79 31.16 28.55 10.21
C GLU B 79 30.94 27.55 11.35
N GLN B 80 30.32 28.05 12.39
CA GLN B 80 30.11 27.25 13.58
C GLN B 80 28.62 27.11 13.81
N ALA B 81 28.24 25.86 14.13
CA ALA B 81 26.86 25.49 14.45
C ALA B 81 26.28 26.40 15.52
N ARG B 82 27.09 26.67 16.53
CA ARG B 82 26.68 27.49 17.65
C ARG B 82 26.38 28.91 17.23
N ALA B 83 27.16 29.48 16.32
CA ALA B 83 26.90 30.86 15.86
C ALA B 83 25.63 30.96 15.01
N ALA B 84 25.41 29.95 14.16
CA ALA B 84 24.15 29.92 13.40
C ALA B 84 22.92 29.72 14.33
N ALA B 85 23.06 28.99 15.43
CA ALA B 85 21.90 28.72 16.33
C ALA B 85 21.55 29.90 17.27
N ARG B 86 22.56 30.69 17.65
CA ARG B 86 22.48 31.74 18.68
C ARG B 86 21.17 32.49 18.83
N ASP B 87 20.80 33.18 17.78
CA ASP B 87 19.78 34.20 17.84
C ASP B 87 18.48 33.65 17.26
N ALA B 88 18.44 32.34 17.03
CA ALA B 88 17.25 31.75 16.39
C ALA B 88 16.08 31.55 17.34
N ASP B 89 14.88 31.77 16.79
CA ASP B 89 13.61 31.43 17.39
C ASP B 89 13.39 29.91 17.30
N ILE B 90 13.67 29.37 16.11
CA ILE B 90 13.55 27.97 15.79
C ILE B 90 14.80 27.48 15.06
N VAL B 91 15.40 26.43 15.61
CA VAL B 91 16.54 25.70 15.03
C VAL B 91 16.01 24.37 14.52
N VAL B 92 16.25 24.08 13.25
CA VAL B 92 15.79 22.85 12.61
C VAL B 92 17.01 22.03 12.32
N SER B 93 17.05 20.84 12.89
CA SER B 93 18.13 19.92 12.68
C SER B 93 17.77 18.94 11.55
N MSE B 94 18.68 18.82 10.62
CA MSE B 94 18.56 17.87 9.54
C MSE B 94 19.85 17.06 9.51
O MSE B 94 20.31 16.67 8.47
CB MSE B 94 18.31 18.62 8.22
CG MSE B 94 16.93 19.24 8.22
SE MSE B 94 16.40 20.10 6.57
CE MSE B 94 17.48 21.63 6.57
N LEU B 95 20.42 16.81 10.69
CA LEU B 95 21.58 15.94 10.85
C LEU B 95 21.25 14.46 10.58
N GLU B 96 22.27 13.62 10.52
CA GLU B 96 22.12 12.23 10.03
C GLU B 96 21.42 11.32 11.03
N ASN B 97 21.80 11.44 12.30
CA ASN B 97 21.49 10.44 13.32
C ASN B 97 21.67 10.97 14.74
N GLY B 98 21.41 10.10 15.71
CA GLY B 98 21.49 10.46 17.13
C GLY B 98 22.85 10.86 17.64
N ALA B 99 23.89 10.16 17.20
CA ALA B 99 25.23 10.51 17.57
C ALA B 99 25.54 11.96 17.17
N VAL B 100 25.29 12.27 15.90
CA VAL B 100 25.60 13.58 15.30
C VAL B 100 24.81 14.69 15.95
N VAL B 101 23.53 14.46 16.22
CA VAL B 101 22.77 15.50 16.87
C VAL B 101 23.29 15.78 18.31
N GLN B 102 23.65 14.75 19.06
CA GLN B 102 24.34 14.91 20.39
C GLN B 102 25.65 15.72 20.29
N ASP B 103 26.62 15.19 19.53
CA ASP B 103 27.80 15.94 19.06
C ASP B 103 27.45 17.40 18.88
N VAL B 104 26.68 17.69 17.83
CA VAL B 104 26.36 19.09 17.47
C VAL B 104 25.78 19.92 18.62
N LEU B 105 24.87 19.35 19.40
CA LEU B 105 24.19 20.07 20.50
C LEU B 105 25.03 20.30 21.75
N PHE B 106 25.60 19.22 22.27
CA PHE B 106 26.28 19.23 23.55
C PHE B 106 27.75 19.46 23.41
N ALA B 107 28.34 18.97 22.34
CA ALA B 107 29.78 19.08 22.18
C ALA B 107 30.15 20.41 21.54
N GLN B 108 29.41 20.83 20.52
CA GLN B 108 29.80 22.04 19.82
C GLN B 108 28.97 23.23 20.29
N GLY B 109 28.30 23.06 21.42
CA GLY B 109 27.75 24.24 22.13
C GLY B 109 26.48 24.91 21.62
N VAL B 110 25.78 24.30 20.67
CA VAL B 110 24.53 24.85 20.18
C VAL B 110 23.56 25.04 21.34
N ALA B 111 23.41 24.00 22.16
CA ALA B 111 22.49 24.02 23.29
C ALA B 111 22.86 25.16 24.25
N ALA B 112 24.10 25.15 24.72
CA ALA B 112 24.58 26.26 25.53
C ALA B 112 24.31 27.65 24.88
N ALA B 113 24.41 27.72 23.56
CA ALA B 113 24.35 29.02 22.87
C ALA B 113 22.97 29.46 22.48
N MSE B 114 21.97 28.59 22.65
CA MSE B 114 20.60 28.93 22.22
C MSE B 114 19.86 29.93 23.14
O MSE B 114 20.03 29.89 24.35
CB MSE B 114 19.79 27.68 21.97
CG MSE B 114 20.12 27.00 20.63
SE MSE B 114 19.10 25.33 20.21
CE MSE B 114 17.27 26.09 20.12
N LYS B 115 19.03 30.79 22.53
CA LYS B 115 18.19 31.89 23.15
C LYS B 115 17.27 31.45 24.30
N PRO B 116 16.72 32.43 25.09
CA PRO B 116 15.91 31.91 26.19
C PRO B 116 14.59 31.32 25.72
N GLY B 117 13.87 31.98 24.80
CA GLY B 117 12.58 31.42 24.34
C GLY B 117 12.56 30.16 23.44
N SER B 118 13.68 29.88 22.78
CA SER B 118 13.72 29.08 21.54
C SER B 118 13.25 27.59 21.51
N LEU B 119 13.15 27.08 20.28
CA LEU B 119 12.65 25.76 19.94
C LEU B 119 13.60 25.00 19.00
N PHE B 120 13.90 23.75 19.38
CA PHE B 120 14.65 22.83 18.57
C PHE B 120 13.66 21.83 17.93
N LEU B 121 13.68 21.74 16.60
CA LEU B 121 12.93 20.70 15.82
C LEU B 121 13.89 19.68 15.22
N ASP B 122 13.83 18.47 15.74
CA ASP B 122 14.65 17.45 15.15
C ASP B 122 13.95 16.65 14.03
N MSE B 123 14.49 16.78 12.81
CA MSE B 123 14.06 15.99 11.67
C MSE B 123 15.06 14.89 11.36
O MSE B 123 14.81 14.06 10.48
CB MSE B 123 13.85 16.87 10.47
CG MSE B 123 12.72 17.83 10.65
SE MSE B 123 12.50 19.00 9.09
CE MSE B 123 10.80 19.80 9.64
N ALA B 124 16.18 14.85 12.06
CA ALA B 124 17.11 13.73 11.98
C ALA B 124 16.42 12.38 12.31
N SER B 125 17.02 11.29 11.81
CA SER B 125 16.55 9.93 12.09
C SER B 125 17.18 9.56 13.41
N ILE B 126 16.35 9.58 14.45
CA ILE B 126 16.85 9.24 15.77
C ILE B 126 15.84 8.35 16.44
N THR B 127 16.29 7.61 17.44
CA THR B 127 15.37 6.75 18.14
C THR B 127 14.41 7.59 19.02
N PRO B 128 13.20 7.08 19.34
CA PRO B 128 12.39 7.77 20.34
C PRO B 128 13.09 7.97 21.70
N ARG B 129 13.99 7.04 22.05
CA ARG B 129 14.78 7.13 23.27
C ARG B 129 15.77 8.28 23.13
N GLU B 130 16.58 8.28 22.08
CA GLU B 130 17.39 9.47 21.80
C GLU B 130 16.60 10.77 21.94
N ALA B 131 15.39 10.82 21.39
CA ALA B 131 14.60 12.04 21.39
C ALA B 131 14.00 12.42 22.74
N ARG B 132 13.65 11.44 23.56
CA ARG B 132 13.20 11.70 24.93
C ARG B 132 14.38 12.31 25.72
N ASP B 133 15.56 11.72 25.54
CA ASP B 133 16.78 12.18 26.20
C ASP B 133 17.15 13.63 25.80
N HIS B 134 17.13 13.94 24.49
CA HIS B 134 17.47 15.29 24.01
C HIS B 134 16.46 16.31 24.50
N ALA B 135 15.21 15.85 24.62
CA ALA B 135 14.13 16.69 25.07
C ALA B 135 14.38 17.17 26.50
N ALA B 136 15.02 16.31 27.27
CA ALA B 136 15.14 16.54 28.69
C ALA B 136 16.40 17.38 28.94
N ARG B 137 17.51 17.03 28.28
CA ARG B 137 18.73 17.82 28.43
C ARG B 137 18.50 19.29 27.98
N LEU B 138 17.83 19.50 26.84
CA LEU B 138 17.49 20.85 26.42
C LEU B 138 16.45 21.50 27.32
N GLY B 139 15.56 20.67 27.91
CA GLY B 139 14.50 21.19 28.77
C GLY B 139 15.08 21.76 30.07
N ALA B 140 16.17 21.14 30.53
CA ALA B 140 16.89 21.59 31.72
C ALA B 140 17.65 22.91 31.44
N LEU B 141 17.86 23.22 30.17
CA LEU B 141 18.49 24.49 29.79
C LEU B 141 17.48 25.56 29.38
N GLY B 142 16.19 25.27 29.59
CA GLY B 142 15.08 26.11 29.09
C GLY B 142 14.76 26.09 27.57
N ILE B 143 15.23 25.07 26.85
CA ILE B 143 14.95 24.97 25.38
C ILE B 143 13.81 23.99 25.07
N ALA B 144 12.79 24.44 24.34
CA ALA B 144 11.72 23.53 23.88
C ALA B 144 12.24 22.55 22.80
N HIS B 145 11.71 21.33 22.75
CA HIS B 145 12.10 20.32 21.78
C HIS B 145 10.87 19.59 21.19
N LEU B 146 10.86 19.40 19.86
CA LEU B 146 9.82 18.63 19.13
C LEU B 146 10.51 17.76 18.15
N ASP B 147 10.17 16.46 18.12
CA ASP B 147 10.71 15.56 17.11
C ASP B 147 9.76 15.59 15.94
N THR B 148 10.25 16.06 14.77
CA THR B 148 9.38 16.25 13.60
C THR B 148 9.89 15.56 12.32
N PRO B 149 9.98 14.23 12.36
CA PRO B 149 10.37 13.65 11.07
C PRO B 149 9.28 13.78 9.97
N VAL B 150 9.64 13.37 8.76
CA VAL B 150 8.95 13.75 7.56
C VAL B 150 8.76 12.51 6.65
N SER B 151 7.66 12.46 5.91
CA SER B 151 7.52 11.46 4.82
C SER B 151 7.17 12.19 3.55
N GLY B 152 7.70 11.69 2.43
CA GLY B 152 7.45 12.36 1.18
C GLY B 152 8.74 12.49 0.40
N GLY B 153 8.60 12.89 -0.85
CA GLY B 153 9.76 12.85 -1.71
C GLY B 153 10.39 14.21 -1.79
N THR B 154 11.56 14.26 -2.45
CA THR B 154 12.14 15.52 -2.91
C THR B 154 11.05 16.32 -3.59
N VAL B 155 10.07 15.60 -4.14
CA VAL B 155 8.97 16.24 -4.86
C VAL B 155 7.99 16.83 -3.87
N GLY B 156 7.80 16.14 -2.74
CA GLY B 156 7.04 16.70 -1.62
C GLY B 156 7.63 17.97 -1.04
N ALA B 157 8.96 17.99 -0.89
CA ALA B 157 9.67 19.15 -0.36
C ALA B 157 9.71 20.37 -1.30
N GLU B 158 9.81 20.17 -2.60
CA GLU B 158 9.75 21.31 -3.54
C GLU B 158 8.32 21.87 -3.61
N GLN B 159 7.32 21.02 -3.35
CA GLN B 159 5.94 21.40 -3.62
C GLN B 159 5.19 21.64 -2.34
N GLY B 160 5.91 21.51 -1.23
CA GLY B 160 5.37 21.80 0.09
C GLY B 160 4.35 20.83 0.64
N THR B 161 4.48 19.57 0.30
CA THR B 161 3.44 18.61 0.62
C THR B 161 4.03 17.40 1.33
N LEU B 162 5.12 17.60 2.06
CA LEU B 162 5.61 16.58 2.93
C LEU B 162 4.49 16.29 3.95
N VAL B 163 4.59 15.16 4.59
CA VAL B 163 3.76 14.93 5.71
C VAL B 163 4.68 14.90 6.96
N ILE B 164 4.28 15.62 8.00
CA ILE B 164 5.10 15.86 9.17
C ILE B 164 4.43 15.22 10.41
N MSE B 165 5.18 14.42 11.17
CA MSE B 165 4.73 13.62 12.31
C MSE B 165 5.40 14.13 13.59
O MSE B 165 6.55 13.85 13.81
CB MSE B 165 5.30 12.20 12.11
CG MSE B 165 4.63 11.36 11.08
SE MSE B 165 5.91 10.13 10.29
CE MSE B 165 6.51 11.44 8.93
N ALA B 166 4.70 14.86 14.44
CA ALA B 166 5.37 15.56 15.57
C ALA B 166 5.07 15.00 16.99
N GLY B 167 6.12 14.65 17.73
CA GLY B 167 6.04 14.46 19.21
C GLY B 167 6.55 15.61 20.09
N GLY B 168 5.83 15.94 21.17
CA GLY B 168 6.21 17.04 22.10
C GLY B 168 5.03 17.88 22.64
N LYS B 169 5.30 18.92 23.42
CA LYS B 169 4.22 19.64 24.09
C LYS B 169 3.29 20.39 23.10
N PRO B 170 1.98 20.35 23.37
CA PRO B 170 0.94 20.98 22.55
C PRO B 170 1.15 22.46 22.31
N ALA B 171 1.62 23.20 23.30
CA ALA B 171 1.84 24.62 23.06
C ALA B 171 3.04 24.84 22.11
N ASP B 172 4.05 23.99 22.25
CA ASP B 172 5.20 23.99 21.34
C ASP B 172 4.79 23.70 19.90
N PHE B 173 4.05 22.63 19.73
CA PHE B 173 3.53 22.33 18.42
C PHE B 173 2.84 23.53 17.80
N GLU B 174 2.07 24.26 18.60
CA GLU B 174 1.26 25.35 18.12
C GLU B 174 2.18 26.48 17.70
N ARG B 175 3.22 26.73 18.50
CA ARG B 175 4.26 27.68 18.14
C ARG B 175 4.95 27.33 16.78
N SER B 176 5.26 26.05 16.57
CA SER B 176 5.91 25.54 15.33
C SER B 176 5.10 25.52 14.04
N LEU B 177 3.78 25.35 14.16
CA LEU B 177 2.84 25.22 13.02
C LEU B 177 2.99 26.19 11.87
N PRO B 178 2.99 27.50 12.13
CA PRO B 178 3.26 28.32 10.92
C PRO B 178 4.47 27.83 10.13
N LEU B 179 5.59 27.58 10.81
CA LEU B 179 6.77 27.01 10.15
C LEU B 179 6.56 25.68 9.42
N LEU B 180 6.00 24.70 10.12
CA LEU B 180 5.76 23.37 9.54
C LEU B 180 4.80 23.40 8.33
N LYS B 181 3.81 24.28 8.42
CA LYS B 181 2.87 24.58 7.34
C LYS B 181 3.55 24.86 6.01
N VAL B 182 4.69 25.56 6.05
CA VAL B 182 5.49 25.84 4.86
C VAL B 182 5.96 24.53 4.20
N PHE B 183 6.40 23.58 5.02
CA PHE B 183 6.93 22.33 4.48
C PHE B 183 5.85 21.43 4.01
N GLY B 184 4.68 21.54 4.63
CA GLY B 184 3.60 20.58 4.44
C GLY B 184 2.60 20.54 5.57
N ARG B 185 2.10 19.35 5.88
CA ARG B 185 0.97 19.24 6.76
C ARG B 185 1.43 18.46 7.96
N ALA B 186 1.27 19.07 9.12
CA ALA B 186 1.80 18.48 10.34
C ALA B 186 0.69 17.93 11.20
N THR B 187 0.98 16.85 11.90
CA THR B 187 0.01 16.23 12.80
C THR B 187 0.75 16.00 14.11
N HIS B 188 0.19 16.55 15.17
CA HIS B 188 0.68 16.33 16.48
C HIS B 188 0.26 14.93 16.97
N VAL B 189 1.22 14.03 17.07
CA VAL B 189 0.90 12.66 17.39
C VAL B 189 0.90 12.33 18.87
N GLY B 190 1.73 13.03 19.64
CA GLY B 190 1.88 12.71 21.06
C GLY B 190 3.00 13.51 21.74
N PRO B 191 3.49 13.01 22.91
CA PRO B 191 4.57 13.59 23.67
C PRO B 191 5.91 13.41 22.95
N HIS B 192 6.99 13.98 23.51
CA HIS B 192 8.34 13.78 22.96
C HIS B 192 8.55 12.31 22.62
N GLY B 193 9.24 12.08 21.50
CA GLY B 193 9.63 10.74 21.13
C GLY B 193 8.61 10.11 20.18
N SER B 194 7.43 10.69 20.09
CA SER B 194 6.34 10.10 19.28
C SER B 194 6.32 10.46 17.80
N GLY B 195 7.16 11.37 17.35
CA GLY B 195 7.29 11.64 15.92
C GLY B 195 8.15 10.52 15.37
N GLN B 196 9.23 10.25 16.09
CA GLN B 196 10.18 9.21 15.68
C GLN B 196 9.54 7.84 15.71
N LEU B 197 8.66 7.60 16.68
CA LEU B 197 7.89 6.36 16.73
C LEU B 197 7.06 6.23 15.45
N THR B 198 6.17 7.20 15.22
CA THR B 198 5.36 7.25 13.99
C THR B 198 6.18 7.16 12.69
N LYS B 199 7.43 7.63 12.72
CA LYS B 199 8.30 7.56 11.59
C LYS B 199 8.85 6.15 11.38
N LEU B 200 9.06 5.38 12.47
CA LEU B 200 9.44 3.98 12.33
C LEU B 200 8.28 3.13 11.87
N ALA B 201 7.09 3.52 12.29
CA ALA B 201 5.87 2.83 11.89
C ALA B 201 5.72 3.10 10.38
N ASN B 202 5.79 4.37 10.02
CA ASN B 202 5.86 4.81 8.62
C ASN B 202 6.85 4.03 7.76
N GLN B 203 8.06 3.84 8.26
CA GLN B 203 9.11 3.17 7.51
C GLN B 203 8.96 1.64 7.47
N MSE B 204 8.41 1.07 8.53
CA MSE B 204 7.93 -0.31 8.44
C MSE B 204 6.97 -0.57 7.26
O MSE B 204 7.24 -1.42 6.46
CB MSE B 204 7.25 -0.71 9.73
CG MSE B 204 8.27 -0.81 10.89
SE MSE B 204 7.39 -0.69 12.66
CE MSE B 204 6.11 -2.17 12.52
N ILE B 205 5.88 0.17 7.16
CA ILE B 205 4.93 0.03 6.06
C ILE B 205 5.57 0.26 4.73
N VAL B 206 6.33 1.35 4.58
CA VAL B 206 7.02 1.61 3.32
C VAL B 206 7.90 0.43 2.91
N GLY B 207 8.86 0.07 3.74
CA GLY B 207 9.69 -1.13 3.48
C GLY B 207 9.03 -2.46 3.22
N ILE B 208 7.94 -2.77 3.93
CA ILE B 208 7.23 -4.01 3.62
C ILE B 208 6.43 -3.78 2.32
N THR B 209 5.76 -2.64 2.14
CA THR B 209 5.01 -2.53 0.89
C THR B 209 5.95 -2.72 -0.31
N ILE B 210 7.21 -2.27 -0.18
CA ILE B 210 8.16 -2.38 -1.28
C ILE B 210 8.40 -3.83 -1.75
N GLY B 211 8.65 -4.71 -0.77
CA GLY B 211 8.74 -6.12 -1.12
C GLY B 211 7.43 -6.70 -1.62
N ALA B 212 6.32 -6.30 -1.02
CA ALA B 212 4.98 -6.81 -1.43
C ALA B 212 4.77 -6.49 -2.91
N VAL B 213 5.01 -5.22 -3.29
CA VAL B 213 4.85 -4.78 -4.68
C VAL B 213 5.83 -5.51 -5.63
N ALA B 214 7.10 -5.44 -5.31
CA ALA B 214 8.16 -6.19 -5.94
C ALA B 214 7.87 -7.68 -6.12
N GLU B 215 7.41 -8.37 -5.05
CA GLU B 215 7.20 -9.83 -5.17
C GLU B 215 6.02 -10.12 -6.07
N ALA B 216 4.96 -9.33 -5.92
CA ALA B 216 3.79 -9.47 -6.75
C ALA B 216 4.13 -9.21 -8.23
N LEU B 217 4.93 -8.17 -8.53
CA LEU B 217 5.27 -7.90 -9.93
C LEU B 217 6.16 -9.00 -10.58
N LEU B 218 7.05 -9.57 -9.80
CA LEU B 218 7.88 -10.70 -10.26
C LEU B 218 7.07 -11.94 -10.46
N PHE B 219 6.10 -12.20 -9.56
CA PHE B 219 5.25 -13.39 -9.63
C PHE B 219 4.45 -13.39 -10.95
N ALA B 220 3.89 -12.22 -11.23
CA ALA B 220 3.07 -12.03 -12.42
C ALA B 220 3.91 -12.14 -13.68
N THR B 221 5.11 -11.59 -13.62
CA THR B 221 6.02 -11.65 -14.77
C THR B 221 6.49 -13.11 -15.03
N LYS B 222 6.94 -13.83 -14.00
CA LYS B 222 7.25 -15.24 -14.20
C LYS B 222 6.09 -15.97 -14.82
N GLY B 223 4.87 -15.57 -14.46
CA GLY B 223 3.67 -16.22 -14.93
C GLY B 223 3.30 -15.83 -16.34
N GLY B 224 4.13 -15.00 -16.98
CA GLY B 224 3.97 -14.59 -18.38
C GLY B 224 3.63 -13.10 -18.55
N ALA B 225 2.82 -12.59 -17.63
CA ALA B 225 2.35 -11.15 -17.60
C ALA B 225 3.39 -10.02 -17.78
N ASP B 226 3.01 -8.94 -18.44
CA ASP B 226 3.97 -7.84 -18.59
C ASP B 226 3.70 -6.92 -17.40
N MSE B 227 4.81 -6.54 -16.76
CA MSE B 227 4.83 -5.84 -15.52
C MSE B 227 4.14 -4.54 -15.61
O MSE B 227 3.35 -4.23 -14.73
CB MSE B 227 6.28 -5.63 -15.11
CG MSE B 227 6.40 -5.49 -13.68
SE MSE B 227 8.25 -5.44 -13.14
CE MSE B 227 8.72 -7.35 -13.19
N ALA B 228 4.44 -3.76 -16.67
CA ALA B 228 3.78 -2.45 -16.85
C ALA B 228 2.28 -2.70 -16.84
N LYS B 229 1.84 -3.69 -17.60
CA LYS B 229 0.41 -3.95 -17.73
C LYS B 229 -0.27 -4.35 -16.42
N VAL B 230 0.44 -5.09 -15.58
CA VAL B 230 -0.15 -5.53 -14.30
C VAL B 230 -0.32 -4.26 -13.38
N LYS B 231 0.65 -3.37 -13.38
CA LYS B 231 0.63 -2.16 -12.57
C LYS B 231 -0.51 -1.29 -13.10
N GLU B 232 -0.63 -1.15 -14.43
CA GLU B 232 -1.81 -0.50 -15.06
C GLU B 232 -3.13 -1.13 -14.57
N ALA B 233 -3.25 -2.44 -14.63
CA ALA B 233 -4.48 -3.09 -14.19
C ALA B 233 -4.80 -2.89 -12.73
N ILE B 234 -3.81 -2.96 -11.90
CA ILE B 234 -3.84 -2.85 -10.44
C ILE B 234 -4.27 -1.50 -9.88
N THR B 235 -3.81 -0.47 -10.54
CA THR B 235 -3.99 0.89 -10.13
C THR B 235 -5.45 1.24 -9.96
N GLY B 236 -5.80 1.93 -8.90
CA GLY B 236 -7.18 2.31 -8.80
C GLY B 236 -8.01 1.35 -7.93
N GLY B 237 -7.52 0.14 -7.63
CA GLY B 237 -8.28 -0.73 -6.70
C GLY B 237 -7.59 -0.90 -5.36
N PHE B 238 -7.96 -1.93 -4.62
CA PHE B 238 -7.43 -2.21 -3.29
C PHE B 238 -5.95 -2.29 -3.14
N ALA B 239 -5.27 -2.68 -4.20
CA ALA B 239 -3.82 -2.75 -4.15
C ALA B 239 -3.09 -1.43 -4.48
N ASP B 240 -3.80 -0.36 -4.77
CA ASP B 240 -3.07 0.86 -5.08
C ASP B 240 -2.46 1.45 -3.76
N SER B 241 -1.29 2.08 -3.92
CA SER B 241 -0.63 2.79 -2.83
C SER B 241 0.37 3.76 -3.48
N ARG B 242 0.99 4.57 -2.64
CA ARG B 242 2.08 5.49 -3.02
C ARG B 242 3.33 4.75 -3.38
N VAL B 243 3.57 3.66 -2.67
CA VAL B 243 4.64 2.74 -3.02
C VAL B 243 4.51 2.19 -4.41
N LEU B 244 3.37 1.60 -4.77
CA LEU B 244 3.15 1.17 -6.17
C LEU B 244 3.36 2.31 -7.18
N GLN B 245 2.75 3.45 -6.94
CA GLN B 245 2.81 4.54 -7.89
C GLN B 245 4.27 5.07 -8.10
N LEU B 246 5.07 5.18 -7.02
CA LEU B 246 6.43 5.74 -7.11
C LEU B 246 7.48 4.63 -7.28
N HIS B 247 7.64 3.82 -6.26
CA HIS B 247 8.65 2.74 -6.33
C HIS B 247 8.39 1.70 -7.32
N GLY B 248 7.14 1.24 -7.42
CA GLY B 248 6.65 0.36 -8.51
C GLY B 248 6.94 0.91 -9.94
N GLN B 249 6.75 2.21 -10.21
CA GLN B 249 7.16 2.74 -11.52
C GLN B 249 8.63 2.50 -11.72
N ARG B 250 9.46 2.74 -10.69
CA ARG B 250 10.91 2.47 -10.74
C ARG B 250 11.26 1.00 -10.93
N MSE B 251 10.48 0.12 -10.32
CA MSE B 251 10.74 -1.29 -10.50
C MSE B 251 10.43 -1.68 -11.94
O MSE B 251 11.23 -2.36 -12.59
CB MSE B 251 9.88 -2.09 -9.53
CG MSE B 251 10.07 -1.64 -8.13
SE MSE B 251 8.89 -2.91 -7.13
CE MSE B 251 9.55 -2.26 -5.40
N VAL B 252 9.30 -1.19 -12.46
CA VAL B 252 8.85 -1.44 -13.84
C VAL B 252 9.94 -1.01 -14.83
N GLU B 253 10.59 0.14 -14.55
CA GLU B 253 11.66 0.64 -15.47
C GLU B 253 13.06 0.18 -15.08
N ARG B 254 13.16 -0.58 -13.99
CA ARG B 254 14.48 -1.07 -13.53
C ARG B 254 15.43 0.09 -13.23
N ASP B 255 14.87 1.14 -12.64
CA ASP B 255 15.58 2.36 -12.39
C ASP B 255 15.77 2.44 -10.88
N PHE B 256 16.89 1.88 -10.40
CA PHE B 256 17.18 1.82 -8.96
C PHE B 256 18.25 2.78 -8.41
N ALA B 257 18.42 3.92 -9.10
CA ALA B 257 19.32 4.99 -8.63
C ALA B 257 18.78 5.58 -7.32
N PRO B 258 19.69 5.87 -6.37
CA PRO B 258 19.35 6.24 -5.00
C PRO B 258 18.55 7.53 -4.87
N ARG B 259 17.41 7.46 -4.19
CA ARG B 259 16.76 8.69 -3.70
C ARG B 259 16.72 8.58 -2.18
N ALA B 260 16.48 7.37 -1.69
CA ALA B 260 16.76 7.03 -0.30
C ALA B 260 17.36 5.68 -0.47
N ARG B 261 18.53 5.46 0.11
CA ARG B 261 19.31 4.27 -0.21
C ARG B 261 18.80 3.03 0.49
N LEU B 262 19.09 1.90 -0.12
CA LEU B 262 18.71 0.64 0.44
C LEU B 262 19.37 0.45 1.85
N SER B 263 20.52 1.09 2.10
CA SER B 263 21.19 1.11 3.43
C SER B 263 20.31 1.68 4.50
N ILE B 264 19.67 2.80 4.17
CA ILE B 264 18.82 3.56 5.09
C ILE B 264 17.56 2.78 5.47
N GLN B 265 16.94 2.14 4.47
CA GLN B 265 15.77 1.32 4.74
C GLN B 265 16.13 0.15 5.67
N LEU B 266 17.17 -0.62 5.37
CA LEU B 266 17.67 -1.62 6.33
C LEU B 266 17.87 -1.01 7.73
N LYS B 267 18.67 0.03 7.85
CA LYS B 267 18.78 0.74 9.13
C LYS B 267 17.43 1.02 9.79
N ASP B 268 16.43 1.43 8.99
CA ASP B 268 15.08 1.72 9.50
C ASP B 268 14.43 0.50 10.16
N MSE B 269 14.55 -0.65 9.51
CA MSE B 269 13.97 -1.87 10.00
C MSE B 269 14.62 -2.18 11.33
O MSE B 269 13.94 -2.50 12.29
CB MSE B 269 14.14 -3.04 9.02
CG MSE B 269 13.48 -2.87 7.64
SE MSE B 269 11.72 -1.97 7.53
CE MSE B 269 11.62 -1.91 5.62
N ARG B 270 15.94 -2.03 11.39
CA ARG B 270 16.72 -2.36 12.60
C ARG B 270 16.39 -1.39 13.71
N ASN B 271 16.30 -0.09 13.39
CA ASN B 271 15.85 0.83 14.41
C ASN B 271 14.55 0.24 14.89
N ALA B 272 13.64 -0.03 13.96
CA ALA B 272 12.27 -0.40 14.33
C ALA B 272 12.30 -1.61 15.23
N LEU B 273 13.07 -2.62 14.88
CA LEU B 273 13.19 -3.83 15.71
C LEU B 273 13.83 -3.55 17.09
N ALA B 274 14.74 -2.59 17.13
CA ALA B 274 15.39 -2.25 18.39
C ALA B 274 14.40 -1.56 19.32
N THR B 275 13.68 -0.56 18.81
CA THR B 275 12.59 0.07 19.56
C THR B 275 11.54 -0.96 19.92
N ALA B 276 11.22 -1.82 18.97
CA ALA B 276 10.21 -2.87 19.19
C ALA B 276 10.51 -3.56 20.51
N GLN B 277 11.80 -3.72 20.79
CA GLN B 277 12.30 -4.56 21.89
C GLN B 277 12.37 -3.80 23.21
N GLU B 278 12.72 -2.51 23.12
CA GLU B 278 12.63 -1.59 24.27
C GLU B 278 11.19 -1.48 24.76
N ILE B 279 10.22 -1.53 23.85
CA ILE B 279 8.82 -1.42 24.21
C ILE B 279 8.13 -2.79 24.47
N GLY B 280 8.85 -3.90 24.24
CA GLY B 280 8.26 -5.26 24.33
C GLY B 280 7.33 -5.75 23.20
N PHE B 281 7.64 -5.38 21.96
CA PHE B 281 6.76 -5.64 20.82
C PHE B 281 7.32 -6.77 19.99
N ASP B 282 6.42 -7.64 19.52
CA ASP B 282 6.79 -8.71 18.58
C ASP B 282 6.39 -8.46 17.11
N ALA B 283 7.38 -8.13 16.30
CA ALA B 283 7.14 -7.81 14.88
C ALA B 283 7.76 -8.83 13.91
N PRO B 284 7.05 -9.93 13.60
CA PRO B 284 7.53 -10.98 12.71
C PRO B 284 7.60 -10.60 11.24
N ILE B 285 6.76 -9.66 10.81
CA ILE B 285 6.82 -9.20 9.41
C ILE B 285 8.08 -8.40 9.19
N THR B 286 8.13 -7.27 9.86
CA THR B 286 9.32 -6.40 9.92
C THR B 286 10.61 -7.20 10.15
N GLY B 287 10.54 -8.18 11.03
CA GLY B 287 11.63 -9.11 11.27
C GLY B 287 12.05 -9.83 10.01
N LEU B 288 11.09 -10.36 9.24
CA LEU B 288 11.42 -10.95 7.92
C LEU B 288 12.04 -9.94 6.94
N PHE B 289 11.56 -8.71 6.94
CA PHE B 289 12.07 -7.70 5.98
C PHE B 289 13.47 -7.17 6.29
N GLU B 290 13.79 -7.00 7.57
CA GLU B 290 15.17 -6.75 8.00
C GLU B 290 16.08 -7.84 7.43
N GLN B 291 15.64 -9.10 7.52
CA GLN B 291 16.35 -10.19 6.86
C GLN B 291 16.54 -9.97 5.37
N LEU B 292 15.45 -9.69 4.65
CA LEU B 292 15.52 -9.56 3.20
C LEU B 292 16.37 -8.37 2.80
N TYR B 293 16.26 -7.30 3.56
CA TYR B 293 17.06 -6.13 3.25
C TYR B 293 18.54 -6.44 3.60
N ALA B 294 18.78 -7.27 4.62
CA ALA B 294 20.18 -7.61 4.96
C ALA B 294 20.77 -8.43 3.85
N GLU B 295 19.98 -9.35 3.30
CA GLU B 295 20.56 -10.23 2.29
C GLU B 295 20.85 -9.39 1.06
N GLY B 296 20.05 -8.34 0.87
CA GLY B 296 20.25 -7.42 -0.26
C GLY B 296 21.55 -6.67 -0.13
N VAL B 297 21.78 -6.06 1.04
CA VAL B 297 22.99 -5.30 1.31
C VAL B 297 24.28 -6.16 1.19
N GLU B 298 24.21 -7.39 1.68
CA GLU B 298 25.28 -8.35 1.48
C GLU B 298 25.52 -8.66 0.02
N HIS B 299 24.46 -8.77 -0.77
CA HIS B 299 24.63 -9.11 -2.16
C HIS B 299 24.95 -7.86 -3.03
N GLY B 300 25.50 -6.81 -2.43
CA GLY B 300 26.05 -5.69 -3.21
C GLY B 300 25.16 -4.47 -3.40
N LEU B 301 23.92 -4.54 -2.91
CA LEU B 301 22.93 -3.61 -3.36
C LEU B 301 22.74 -2.40 -2.49
N THR B 302 23.61 -2.25 -1.47
CA THR B 302 23.58 -1.16 -0.49
C THR B 302 23.29 0.27 -1.01
N ASP B 303 23.73 0.56 -2.23
CA ASP B 303 23.60 1.94 -2.74
C ASP B 303 22.57 2.08 -3.88
N LEU B 304 21.73 1.06 -4.02
CA LEU B 304 20.52 1.20 -4.86
C LEU B 304 19.50 1.98 -4.03
N ASP B 305 18.44 2.43 -4.71
CA ASP B 305 17.24 3.00 -4.08
C ASP B 305 16.65 1.90 -3.17
N GLN B 306 15.84 2.31 -2.22
CA GLN B 306 15.02 1.38 -1.40
C GLN B 306 14.14 0.44 -2.26
N SER B 307 13.75 0.90 -3.46
CA SER B 307 13.05 0.02 -4.45
C SER B 307 13.95 -1.10 -4.97
N GLY B 308 15.26 -0.95 -4.79
CA GLY B 308 16.23 -2.05 -5.02
C GLY B 308 16.01 -3.43 -4.37
N LEU B 309 15.24 -3.54 -3.30
CA LEU B 309 14.88 -4.87 -2.78
C LEU B 309 14.31 -5.79 -3.87
N PHE B 310 13.74 -5.18 -4.93
CA PHE B 310 13.34 -5.93 -6.16
C PHE B 310 14.46 -6.71 -6.77
N VAL B 311 15.67 -6.16 -6.73
CA VAL B 311 16.82 -6.82 -7.35
C VAL B 311 17.17 -8.05 -6.52
N GLU B 312 17.20 -7.92 -5.22
CA GLU B 312 17.31 -9.09 -4.38
C GLU B 312 16.25 -10.17 -4.67
N LEU B 313 14.97 -9.80 -4.66
CA LEU B 313 13.94 -10.87 -4.80
C LEU B 313 13.95 -11.50 -6.18
N ALA B 314 14.42 -10.75 -7.17
CA ALA B 314 14.60 -11.22 -8.52
C ALA B 314 15.84 -12.15 -8.70
N SER B 315 16.92 -11.91 -7.94
CA SER B 315 18.08 -12.83 -7.93
C SER B 315 17.67 -14.18 -7.38
N ARG B 316 17.21 -14.20 -6.14
CA ARG B 316 16.67 -15.43 -5.55
C ARG B 316 15.91 -16.24 -6.57
N ASN B 317 15.32 -15.61 -7.56
CA ASN B 317 14.47 -16.32 -8.52
C ASN B 317 15.11 -16.51 -9.90
N GLY B 318 16.42 -16.37 -9.96
CA GLY B 318 17.16 -16.54 -11.21
C GLY B 318 16.96 -15.36 -12.16
S SO4 C . -25.65 -16.45 -5.06
O1 SO4 C . -24.30 -15.95 -5.27
O2 SO4 C . -26.48 -15.26 -4.84
O3 SO4 C . -26.08 -17.31 -6.17
O4 SO4 C . -25.68 -17.28 -3.87
S SO4 D . 24.97 18.86 5.03
O1 SO4 D . 23.91 17.92 5.39
O2 SO4 D . 26.16 18.13 4.64
O3 SO4 D . 24.55 19.66 3.89
O4 SO4 D . 25.31 19.69 6.17
#